data_7S3N
#
_entry.id   7S3N
#
_cell.length_a   80.246
_cell.length_b   73.080
_cell.length_c   89.043
_cell.angle_alpha   90.000
_cell.angle_beta   100.500
_cell.angle_gamma   90.000
#
_symmetry.space_group_name_H-M   'C 1 2 1'
#
loop_
_entity.id
_entity.type
_entity.pdbx_description
1 polymer 'Spike glycoprotein'
2 polymer 'Fab22 Heavy Chain'
3 polymer 'Fab22 Light Chain'
4 water water
#
loop_
_entity_poly.entity_id
_entity_poly.type
_entity_poly.pdbx_seq_one_letter_code
_entity_poly.pdbx_strand_id
1 'polypeptide(L)' DSFKEELDKYFKNHTSPDV A
2 'polypeptide(L)'
;EVQLQQPGPVLVKPGASVRMSCKASGYRITDNFMNWVKQSHGKSLEWIGIINPYNGGTKYNQKFKGKATLTVDTSSSTAY
MELNSLTSEDSAVYYCTRVRGNDYHGRAMDYWGQGTSVTVSSASTKGPSVFPLAPSSKSTSGGTAALGCLVKDYFPEPVT
VSWNSGALTSGVHTFPAVLQSSGLYSLSSVVTVPSSSLGTQTYICNVNHKPSNTKVDKKVEPK
;
H
3 'polypeptide(L)'
;DVVLTQTPLSLPVNIGDQASISCKSTKSLLNRDGFTFLDWYLQKPGQSPQLLIYLVSNRFSGVPDRFSGSGSGTDFTLKI
SRVEAEDLGVYYCFQSNYLFTFGSGTKLEIKRTVAAPSVFIFPPSDEQLKSGTASVVCLLNNFYPREAKVQWKVDNALQS
GNSQESVTEQDSKDSTYSLSSTLTLSKADYEKHKVYACEVTQGTTSVTKSFNRGEC
;
L
#
# COMPACT_ATOMS: atom_id res chain seq x y z
N SER A 2 6.31 23.86 29.19
CA SER A 2 6.39 23.42 27.80
C SER A 2 5.65 22.10 27.60
N PHE A 3 5.24 21.84 26.36
CA PHE A 3 4.58 20.58 26.05
C PHE A 3 5.54 19.41 26.24
N LYS A 4 6.85 19.66 26.11
CA LYS A 4 7.86 18.67 26.47
C LYS A 4 7.76 18.28 27.95
N GLU A 5 7.65 19.27 28.83
CA GLU A 5 7.51 18.98 30.25
C GLU A 5 6.17 18.32 30.55
N GLU A 6 5.13 18.66 29.80
CA GLU A 6 3.83 18.03 30.00
C GLU A 6 3.92 16.54 29.70
N LEU A 7 4.71 16.16 28.69
CA LEU A 7 4.91 14.74 28.37
C LEU A 7 5.80 14.06 29.39
N ASP A 8 6.82 14.76 29.89
CA ASP A 8 7.67 14.19 30.93
C ASP A 8 6.85 13.84 32.17
N LYS A 9 6.04 14.78 32.63
CA LYS A 9 5.10 14.48 33.72
C LYS A 9 4.15 13.37 33.33
N TYR A 10 3.58 13.45 32.12
CA TYR A 10 2.58 12.48 31.70
C TYR A 10 3.16 11.07 31.70
N PHE A 11 4.37 10.92 31.17
CA PHE A 11 5.01 9.61 31.12
C PHE A 11 5.40 9.19 32.53
N GLU B 1 2.62 -14.69 22.14
CA GLU B 1 3.24 -13.49 21.58
C GLU B 1 2.31 -12.29 21.64
N VAL B 2 2.90 -11.09 21.70
CA VAL B 2 2.12 -9.86 21.70
C VAL B 2 1.44 -9.66 20.35
N GLN B 3 0.17 -9.29 20.39
CA GLN B 3 -0.56 -9.02 19.16
C GLN B 3 -1.54 -7.89 19.44
N LEU B 4 -1.65 -6.98 18.48
CA LEU B 4 -2.63 -5.91 18.51
C LEU B 4 -3.62 -6.20 17.38
N GLN B 5 -4.88 -6.43 17.71
CA GLN B 5 -5.86 -6.94 16.76
C GLN B 5 -6.87 -5.84 16.47
N GLN B 6 -6.88 -5.35 15.23
CA GLN B 6 -7.76 -4.29 14.79
C GLN B 6 -8.72 -4.84 13.74
N PRO B 7 -9.96 -4.34 13.68
CA PRO B 7 -10.88 -4.78 12.64
C PRO B 7 -10.40 -4.38 11.24
N GLY B 8 -10.88 -5.14 10.25
CA GLY B 8 -10.61 -4.85 8.87
C GLY B 8 -11.33 -3.59 8.39
N PRO B 9 -11.23 -3.32 7.09
CA PRO B 9 -11.70 -2.03 6.56
C PRO B 9 -13.19 -1.81 6.75
N VAL B 10 -13.56 -0.55 6.95
CA VAL B 10 -14.93 -0.17 7.25
C VAL B 10 -15.34 1.00 6.35
N LEU B 11 -16.60 1.01 5.96
CA LEU B 11 -17.18 2.10 5.21
C LEU B 11 -18.16 2.85 6.11
N VAL B 12 -17.99 4.17 6.22
CA VAL B 12 -18.84 4.97 7.09
CA VAL B 12 -18.84 4.98 7.10
C VAL B 12 -19.29 6.22 6.34
N LYS B 13 -20.46 6.76 6.74
CA LYS B 13 -21.01 7.89 6.03
C LYS B 13 -20.42 9.21 6.50
N PRO B 14 -20.25 10.17 5.58
CA PRO B 14 -19.89 11.53 5.97
C PRO B 14 -20.85 12.07 7.02
N GLY B 15 -20.30 12.82 7.96
CA GLY B 15 -21.06 13.40 9.03
C GLY B 15 -21.34 12.46 10.19
N ALA B 16 -21.13 11.17 10.02
CA ALA B 16 -21.37 10.22 11.09
C ALA B 16 -20.17 10.19 12.04
N SER B 17 -20.23 9.30 13.02
CA SER B 17 -19.08 9.01 13.87
C SER B 17 -18.71 7.54 13.70
N VAL B 18 -17.49 7.18 14.10
CA VAL B 18 -17.07 5.79 14.01
C VAL B 18 -16.18 5.49 15.21
N ARG B 19 -16.41 4.34 15.82
CA ARG B 19 -15.56 3.89 16.93
C ARG B 19 -14.81 2.63 16.50
N MET B 20 -13.48 2.70 16.49
CA MET B 20 -12.67 1.56 16.09
C MET B 20 -11.92 1.01 17.29
N SER B 21 -11.61 -0.28 17.23
CA SER B 21 -11.14 -1.01 18.40
C SER B 21 -9.76 -1.62 18.13
N CYS B 22 -9.09 -1.95 19.24
CA CYS B 22 -7.75 -2.55 19.20
C CYS B 22 -7.66 -3.46 20.41
N LYS B 23 -7.67 -4.78 20.18
CA LYS B 23 -7.63 -5.76 21.25
C LYS B 23 -6.20 -6.24 21.45
N ALA B 24 -5.67 -6.05 22.67
CA ALA B 24 -4.31 -6.46 23.00
C ALA B 24 -4.32 -7.90 23.48
N SER B 25 -3.39 -8.69 22.95
CA SER B 25 -3.23 -10.08 23.32
C SER B 25 -1.78 -10.35 23.63
N GLY B 26 -1.53 -11.20 24.61
CA GLY B 26 -0.17 -11.60 24.93
C GLY B 26 0.56 -10.71 25.90
N TYR B 27 -0.11 -9.73 26.50
CA TYR B 27 0.44 -8.88 27.53
C TYR B 27 -0.72 -8.17 28.23
N ARG B 28 -0.43 -7.55 29.37
CA ARG B 28 -1.43 -6.79 30.10
C ARG B 28 -1.51 -5.37 29.60
N ILE B 29 -2.71 -4.98 29.11
CA ILE B 29 -2.87 -3.71 28.41
C ILE B 29 -2.48 -2.53 29.30
N THR B 30 -2.65 -2.66 30.62
CA THR B 30 -2.31 -1.59 31.54
C THR B 30 -0.81 -1.46 31.80
N ASP B 31 0.00 -2.40 31.30
CA ASP B 31 1.45 -2.31 31.51
C ASP B 31 2.15 -1.38 30.52
N ASN B 32 1.45 -0.87 29.51
CA ASN B 32 2.09 -0.09 28.45
C ASN B 32 1.15 1.02 27.98
N PHE B 33 1.73 2.14 27.56
CA PHE B 33 0.96 3.17 26.89
C PHE B 33 0.58 2.68 25.48
N MET B 34 -0.34 3.42 24.85
CA MET B 34 -0.78 3.16 23.48
C MET B 34 -0.87 4.46 22.69
N ASN B 35 -0.32 4.43 21.47
CA ASN B 35 -0.41 5.52 20.51
C ASN B 35 -1.36 5.10 19.40
N TRP B 36 -2.11 6.07 18.88
CA TRP B 36 -2.86 5.89 17.65
C TRP B 36 -2.24 6.77 16.56
N VAL B 37 -2.12 6.22 15.35
CA VAL B 37 -1.42 6.87 14.24
C VAL B 37 -2.30 6.80 12.99
N LYS B 38 -2.38 7.92 12.27
CA LYS B 38 -3.14 8.01 11.02
C LYS B 38 -2.18 8.00 9.84
N GLN B 39 -2.45 7.15 8.85
CA GLN B 39 -1.68 7.12 7.61
C GLN B 39 -2.59 7.45 6.43
N SER B 40 -2.28 8.53 5.74
CA SER B 40 -3.08 8.94 4.60
C SER B 40 -2.43 8.42 3.33
N HIS B 41 -3.27 7.84 2.45
CA HIS B 41 -2.93 7.29 1.14
C HIS B 41 -1.62 6.49 1.15
N GLY B 42 -1.42 5.68 2.19
CA GLY B 42 -0.21 4.87 2.29
C GLY B 42 1.08 5.66 2.36
N LYS B 43 1.01 6.94 2.69
CA LYS B 43 2.17 7.83 2.54
C LYS B 43 2.50 8.49 3.87
N SER B 44 1.73 9.48 4.30
CA SER B 44 2.10 10.34 5.41
C SER B 44 1.62 9.74 6.72
N LEU B 45 2.52 9.68 7.71
CA LEU B 45 2.18 9.20 9.04
C LEU B 45 2.01 10.36 10.00
N GLU B 46 1.02 10.25 10.90
CA GLU B 46 0.59 11.36 11.73
C GLU B 46 0.15 10.82 13.08
N TRP B 47 0.73 11.32 14.17
CA TRP B 47 0.33 10.88 15.50
C TRP B 47 -0.99 11.51 15.91
N ILE B 48 -1.93 10.70 16.37
CA ILE B 48 -3.24 11.18 16.81
C ILE B 48 -3.26 11.47 18.30
N GLY B 49 -2.93 10.48 19.12
CA GLY B 49 -2.92 10.69 20.55
C GLY B 49 -2.35 9.49 21.25
N ILE B 50 -2.17 9.64 22.56
CA ILE B 50 -1.65 8.58 23.42
C ILE B 50 -2.63 8.41 24.58
N ILE B 51 -2.80 7.17 25.00
CA ILE B 51 -3.62 6.85 26.18
C ILE B 51 -2.81 6.00 27.14
N ASN B 52 -2.97 6.27 28.44
CA ASN B 52 -2.51 5.39 29.51
C ASN B 52 -3.65 4.46 29.90
N PRO B 53 -3.57 3.17 29.58
CA PRO B 53 -4.72 2.27 29.83
C PRO B 53 -4.94 1.98 31.31
N TYR B 54 -3.97 2.29 32.17
CA TYR B 54 -4.18 2.08 33.59
C TYR B 54 -4.88 3.27 34.21
N ASN B 55 -4.58 4.48 33.74
CA ASN B 55 -5.19 5.72 34.21
C ASN B 55 -6.40 6.14 33.39
N GLY B 56 -6.40 5.84 32.10
CA GLY B 56 -7.29 6.50 31.18
C GLY B 56 -6.79 7.86 30.74
N GLY B 57 -5.68 8.35 31.28
CA GLY B 57 -5.18 9.66 30.90
C GLY B 57 -4.72 9.68 29.45
N THR B 58 -4.99 10.82 28.79
CA THR B 58 -4.75 10.95 27.36
C THR B 58 -3.97 12.23 27.05
N LYS B 59 -3.25 12.22 25.93
CA LYS B 59 -2.62 13.40 25.35
C LYS B 59 -2.82 13.35 23.85
N TYR B 60 -3.10 14.50 23.23
CA TYR B 60 -3.55 14.55 21.84
C TYR B 60 -2.68 15.48 20.99
N ASN B 61 -2.43 15.07 19.75
CA ASN B 61 -2.01 16.01 18.73
C ASN B 61 -3.08 17.09 18.59
N GLN B 62 -2.66 18.35 18.73
CA GLN B 62 -3.56 19.50 18.71
C GLN B 62 -4.58 19.40 17.59
N LYS B 63 -4.13 19.01 16.38
CA LYS B 63 -5.05 18.93 15.24
C LYS B 63 -6.18 17.95 15.44
N PHE B 64 -6.03 17.00 16.37
CA PHE B 64 -7.06 15.98 16.57
C PHE B 64 -7.85 16.13 17.86
N LYS B 65 -7.58 17.13 18.70
CA LYS B 65 -8.48 17.35 19.84
C LYS B 65 -9.81 17.85 19.32
N GLY B 66 -10.89 17.32 19.91
CA GLY B 66 -12.22 17.55 19.39
C GLY B 66 -12.62 16.66 18.23
N LYS B 67 -11.66 15.97 17.60
CA LYS B 67 -11.92 15.07 16.49
C LYS B 67 -11.83 13.60 16.89
N ALA B 68 -10.80 13.23 17.63
CA ALA B 68 -10.59 11.87 18.08
C ALA B 68 -10.66 11.81 19.60
N THR B 69 -11.18 10.71 20.12
CA THR B 69 -11.25 10.47 21.56
C THR B 69 -10.75 9.07 21.84
N LEU B 70 -9.73 8.96 22.68
CA LEU B 70 -9.18 7.66 23.06
C LEU B 70 -9.79 7.21 24.38
N THR B 71 -10.15 5.93 24.46
CA THR B 71 -10.66 5.29 25.67
C THR B 71 -10.17 3.85 25.69
N VAL B 72 -10.24 3.22 26.87
CA VAL B 72 -9.92 1.81 27.00
C VAL B 72 -10.97 1.10 27.85
N ASP B 73 -11.15 -0.19 27.57
CA ASP B 73 -11.90 -1.12 28.44
C ASP B 73 -10.93 -2.19 28.94
N THR B 74 -10.43 -2.00 30.17
CA THR B 74 -9.38 -2.89 30.64
C THR B 74 -9.90 -4.31 30.85
N SER B 75 -11.16 -4.44 31.27
CA SER B 75 -11.72 -5.78 31.51
C SER B 75 -11.78 -6.61 30.24
N SER B 76 -11.81 -5.97 29.06
CA SER B 76 -11.79 -6.68 27.79
C SER B 76 -10.49 -6.47 27.03
N SER B 77 -9.48 -5.87 27.66
CA SER B 77 -8.17 -5.54 27.07
C SER B 77 -8.29 -4.95 25.67
N THR B 78 -9.14 -3.92 25.55
CA THR B 78 -9.42 -3.31 24.27
C THR B 78 -9.30 -1.79 24.37
N ALA B 79 -8.54 -1.21 23.45
CA ALA B 79 -8.47 0.23 23.28
C ALA B 79 -9.44 0.68 22.19
N TYR B 80 -9.95 1.90 22.31
CA TYR B 80 -10.89 2.42 21.34
C TYR B 80 -10.48 3.82 20.92
N MET B 81 -10.69 4.12 19.63
CA MET B 81 -10.69 5.47 19.06
C MET B 81 -12.03 5.76 18.42
N GLU B 82 -12.64 6.88 18.81
CA GLU B 82 -13.85 7.37 18.14
C GLU B 82 -13.51 8.64 17.38
N LEU B 83 -13.87 8.69 16.10
CA LEU B 83 -13.77 9.89 15.28
C LEU B 83 -15.17 10.42 15.03
N ASN B 84 -15.36 11.73 15.22
CA ASN B 84 -16.65 12.37 15.03
C ASN B 84 -16.60 13.23 13.78
N SER B 85 -17.79 13.69 13.37
CA SER B 85 -17.97 14.65 12.27
C SER B 85 -17.17 14.28 11.03
N LEU B 86 -17.34 13.05 10.57
CA LEU B 86 -16.45 12.49 9.55
C LEU B 86 -16.60 13.22 8.22
N THR B 87 -15.46 13.39 7.54
CA THR B 87 -15.38 13.95 6.21
C THR B 87 -14.47 13.06 5.37
N SER B 88 -14.42 13.37 4.07
CA SER B 88 -13.55 12.60 3.20
C SER B 88 -12.08 12.70 3.58
N GLU B 89 -11.66 13.76 4.26
CA GLU B 89 -10.29 13.86 4.78
C GLU B 89 -9.96 12.85 5.86
N ASP B 90 -10.97 12.16 6.38
CA ASP B 90 -10.75 11.17 7.41
C ASP B 90 -10.57 9.77 6.84
N SER B 91 -10.70 9.61 5.53
CA SER B 91 -10.40 8.33 4.90
C SER B 91 -8.89 8.09 4.97
N ALA B 92 -8.51 7.05 5.69
CA ALA B 92 -7.11 6.78 6.02
C ALA B 92 -7.05 5.43 6.71
N VAL B 93 -5.82 4.96 6.94
CA VAL B 93 -5.56 3.78 7.76
C VAL B 93 -5.21 4.26 9.15
N TYR B 94 -5.88 3.72 10.17
CA TYR B 94 -5.63 4.07 11.56
C TYR B 94 -4.94 2.92 12.26
N TYR B 95 -3.74 3.17 12.79
CA TYR B 95 -2.95 2.17 13.50
C TYR B 95 -3.04 2.39 14.99
N CYS B 96 -3.21 1.30 15.72
CA CYS B 96 -2.98 1.32 17.16
C CYS B 96 -1.62 0.67 17.39
N THR B 97 -0.88 1.19 18.35
CA THR B 97 0.49 0.75 18.60
C THR B 97 0.71 0.67 20.10
N ARG B 98 1.62 -0.22 20.49
CA ARG B 98 2.08 -0.32 21.87
C ARG B 98 3.37 0.47 22.04
N VAL B 99 3.42 1.28 23.10
CA VAL B 99 4.56 2.15 23.39
C VAL B 99 5.35 1.52 24.53
N ARG B 100 6.65 1.33 24.32
CA ARG B 100 7.45 0.57 25.29
C ARG B 100 7.52 1.26 26.65
N GLY B 101 7.46 2.59 26.67
CA GLY B 101 7.51 3.34 27.91
C GLY B 101 8.57 4.41 27.83
N ASN B 102 8.94 4.93 29.00
CA ASN B 102 9.78 6.11 29.08
C ASN B 102 11.25 5.69 29.25
N ASP B 103 12.16 6.62 28.92
CA ASP B 103 13.60 6.47 29.16
C ASP B 103 14.24 5.35 28.33
N TYR B 104 14.72 4.30 29.00
CA TYR B 104 15.52 3.27 28.33
C TYR B 104 14.80 2.63 27.15
N HIS B 105 13.48 2.66 27.14
CA HIS B 105 12.75 2.08 26.03
C HIS B 105 12.57 3.06 24.88
N GLY B 106 12.78 4.35 25.14
CA GLY B 106 12.79 5.36 24.10
C GLY B 106 11.44 5.90 23.70
N ARG B 107 10.37 5.58 24.43
CA ARG B 107 9.00 5.92 24.03
C ARG B 107 8.69 5.41 22.63
N ALA B 108 9.35 4.30 22.24
CA ALA B 108 9.21 3.80 20.89
C ALA B 108 7.97 2.92 20.78
N MET B 109 7.54 2.71 19.53
CA MET B 109 6.29 2.02 19.22
C MET B 109 6.71 0.63 18.76
N ASP B 110 6.77 -0.33 19.69
CA ASP B 110 7.41 -1.59 19.33
C ASP B 110 6.48 -2.60 18.69
N TYR B 111 5.17 -2.55 18.96
CA TYR B 111 4.26 -3.47 18.30
C TYR B 111 3.13 -2.66 17.68
N TRP B 112 2.73 -3.04 16.46
CA TRP B 112 1.74 -2.31 15.68
C TRP B 112 0.59 -3.24 15.33
N GLY B 113 -0.62 -2.73 15.39
CA GLY B 113 -1.73 -3.41 14.79
C GLY B 113 -1.65 -3.34 13.26
N GLN B 114 -2.50 -4.13 12.61
CA GLN B 114 -2.52 -4.15 11.15
C GLN B 114 -3.26 -2.97 10.54
N GLY B 115 -3.93 -2.16 11.36
CA GLY B 115 -4.60 -0.94 10.94
C GLY B 115 -6.04 -1.17 10.51
N THR B 116 -6.85 -0.16 10.72
CA THR B 116 -8.22 -0.16 10.20
C THR B 116 -8.33 0.89 9.10
N SER B 117 -8.58 0.42 7.89
CA SER B 117 -8.74 1.30 6.73
C SER B 117 -10.18 1.80 6.67
N VAL B 118 -10.36 3.09 6.89
CA VAL B 118 -11.68 3.71 6.91
C VAL B 118 -11.90 4.42 5.57
N THR B 119 -13.01 4.11 4.92
CA THR B 119 -13.48 4.85 3.75
C THR B 119 -14.67 5.69 4.19
N VAL B 120 -14.55 7.01 4.08
CA VAL B 120 -15.66 7.91 4.37
C VAL B 120 -16.35 8.25 3.04
N SER B 121 -17.56 7.74 2.85
CA SER B 121 -18.30 7.95 1.61
C SER B 121 -19.79 7.78 1.80
N SER B 122 -20.57 8.51 1.01
CA SER B 122 -22.02 8.36 1.00
C SER B 122 -22.48 7.30 -0.01
N ALA B 123 -21.56 6.77 -0.81
CA ALA B 123 -21.93 5.78 -1.82
C ALA B 123 -22.20 4.43 -1.17
N SER B 124 -23.12 3.68 -1.80
CA SER B 124 -23.51 2.36 -1.31
C SER B 124 -22.51 1.29 -1.71
N THR B 125 -22.49 0.21 -0.93
CA THR B 125 -21.68 -0.94 -1.26
C THR B 125 -22.19 -1.61 -2.52
N LYS B 126 -21.26 -2.14 -3.32
CA LYS B 126 -21.57 -2.83 -4.56
C LYS B 126 -20.53 -3.91 -4.78
N GLY B 127 -20.96 -5.16 -4.95
CA GLY B 127 -20.02 -6.23 -5.18
C GLY B 127 -19.47 -6.17 -6.59
N PRO B 128 -18.34 -6.83 -6.83
CA PRO B 128 -17.67 -6.75 -8.12
C PRO B 128 -18.22 -7.70 -9.18
N SER B 129 -17.98 -7.32 -10.43
CA SER B 129 -18.13 -8.22 -11.55
C SER B 129 -16.74 -8.75 -11.87
N VAL B 130 -16.62 -10.03 -12.17
CA VAL B 130 -15.31 -10.65 -12.39
C VAL B 130 -15.27 -11.26 -13.78
N PHE B 131 -14.32 -10.82 -14.60
CA PHE B 131 -14.23 -11.28 -15.96
C PHE B 131 -12.87 -11.92 -16.20
N PRO B 132 -12.81 -12.98 -17.00
CA PRO B 132 -11.52 -13.62 -17.28
C PRO B 132 -10.66 -12.76 -18.21
N LEU B 133 -9.37 -12.73 -17.90
CA LEU B 133 -8.35 -12.21 -18.81
C LEU B 133 -7.71 -13.47 -19.39
N ALA B 134 -8.24 -13.95 -20.56
CA ALA B 134 -7.93 -15.31 -20.98
C ALA B 134 -6.64 -15.35 -21.76
N PRO B 135 -5.87 -16.46 -21.65
CA PRO B 135 -4.56 -16.55 -22.32
C PRO B 135 -4.68 -16.65 -23.84
N GLY B 142 8.03 -16.99 -25.51
CA GLY B 142 9.06 -17.89 -25.03
C GLY B 142 8.60 -18.73 -23.85
N GLY B 143 7.49 -19.44 -24.03
CA GLY B 143 7.04 -20.41 -23.08
C GLY B 143 6.40 -19.84 -21.83
N THR B 144 6.07 -18.55 -21.85
CA THR B 144 5.44 -17.86 -20.74
C THR B 144 4.12 -17.26 -21.20
N ALA B 145 3.02 -17.72 -20.62
CA ALA B 145 1.69 -17.19 -20.91
C ALA B 145 1.21 -16.36 -19.72
N ALA B 146 0.38 -15.36 -19.99
CA ALA B 146 -0.23 -14.56 -18.94
C ALA B 146 -1.74 -14.75 -18.96
N LEU B 147 -2.32 -14.79 -17.76
CA LEU B 147 -3.76 -14.84 -17.64
C LEU B 147 -4.14 -14.09 -16.37
N GLY B 148 -5.44 -13.85 -16.18
CA GLY B 148 -5.83 -13.07 -15.03
C GLY B 148 -7.32 -12.92 -14.91
N CYS B 149 -7.71 -12.00 -14.05
CA CYS B 149 -9.10 -11.71 -13.74
C CYS B 149 -9.23 -10.20 -13.66
N LEU B 150 -10.22 -9.65 -14.36
CA LEU B 150 -10.58 -8.24 -14.26
C LEU B 150 -11.74 -8.12 -13.29
N VAL B 151 -11.56 -7.33 -12.24
CA VAL B 151 -12.51 -7.21 -11.14
C VAL B 151 -13.07 -5.79 -11.24
N LYS B 152 -14.32 -5.66 -11.69
CA LYS B 152 -14.80 -4.37 -12.15
C LYS B 152 -16.01 -3.91 -11.34
N ASP B 153 -16.06 -2.61 -11.08
CA ASP B 153 -17.28 -1.90 -10.68
C ASP B 153 -17.71 -2.31 -9.28
N TYR B 154 -16.80 -2.20 -8.32
CA TYR B 154 -17.12 -2.51 -6.94
C TYR B 154 -16.90 -1.28 -6.06
N PHE B 155 -17.51 -1.31 -4.89
CA PHE B 155 -17.36 -0.27 -3.88
C PHE B 155 -17.77 -0.83 -2.53
N PRO B 156 -17.10 -0.50 -1.42
CA PRO B 156 -15.82 0.22 -1.29
C PRO B 156 -14.64 -0.70 -1.59
N GLU B 157 -13.42 -0.19 -1.50
CA GLU B 157 -12.25 -1.05 -1.36
C GLU B 157 -12.27 -1.78 -0.01
N PRO B 158 -11.55 -2.90 0.10
CA PRO B 158 -10.74 -3.55 -0.92
C PRO B 158 -11.37 -4.84 -1.43
N VAL B 159 -10.83 -5.34 -2.54
CA VAL B 159 -10.97 -6.73 -2.92
C VAL B 159 -9.60 -7.37 -2.73
N THR B 160 -9.59 -8.60 -2.26
CA THR B 160 -8.37 -9.38 -2.29
C THR B 160 -8.53 -10.49 -3.32
N VAL B 161 -7.40 -10.90 -3.90
CA VAL B 161 -7.38 -11.90 -4.94
C VAL B 161 -6.28 -12.90 -4.61
N SER B 162 -6.62 -14.17 -4.64
CA SER B 162 -5.66 -15.27 -4.63
C SER B 162 -5.94 -16.14 -5.85
N TRP B 163 -5.02 -17.09 -6.08
CA TRP B 163 -5.09 -17.98 -7.22
C TRP B 163 -4.97 -19.40 -6.70
N ASN B 164 -5.87 -20.27 -7.15
CA ASN B 164 -5.89 -21.66 -6.70
C ASN B 164 -5.83 -21.76 -5.18
N SER B 165 -6.70 -20.97 -4.55
CA SER B 165 -6.87 -20.97 -3.09
C SER B 165 -5.54 -20.77 -2.37
N GLY B 166 -4.66 -19.97 -2.98
CA GLY B 166 -3.39 -19.63 -2.40
C GLY B 166 -2.24 -20.57 -2.72
N ALA B 167 -2.51 -21.66 -3.44
CA ALA B 167 -1.44 -22.56 -3.86
C ALA B 167 -0.55 -21.95 -4.93
N LEU B 168 -1.03 -20.95 -5.67
CA LEU B 168 -0.26 -20.31 -6.74
C LEU B 168 0.08 -18.89 -6.31
N THR B 169 1.37 -18.63 -6.10
CA THR B 169 1.81 -17.31 -5.62
C THR B 169 2.89 -16.69 -6.49
N SER B 170 3.84 -17.47 -7.00
CA SER B 170 4.92 -16.88 -7.77
C SER B 170 4.39 -16.39 -9.11
N GLY B 171 4.82 -15.19 -9.51
CA GLY B 171 4.40 -14.62 -10.77
C GLY B 171 3.07 -13.91 -10.74
N VAL B 172 2.40 -13.87 -9.58
CA VAL B 172 1.13 -13.17 -9.43
C VAL B 172 1.40 -11.69 -9.25
N HIS B 173 0.65 -10.86 -9.96
CA HIS B 173 0.62 -9.43 -9.72
C HIS B 173 -0.84 -9.02 -9.59
N THR B 174 -1.23 -8.55 -8.41
CA THR B 174 -2.55 -7.94 -8.23
C THR B 174 -2.34 -6.44 -8.19
N PHE B 175 -2.90 -5.74 -9.17
CA PHE B 175 -2.65 -4.32 -9.30
C PHE B 175 -3.45 -3.50 -8.30
N PRO B 176 -2.94 -2.34 -7.90
CA PRO B 176 -3.74 -1.41 -7.10
C PRO B 176 -4.99 -1.01 -7.87
N ALA B 177 -6.10 -0.87 -7.15
CA ALA B 177 -7.35 -0.50 -7.80
C ALA B 177 -7.25 0.91 -8.38
N VAL B 178 -8.05 1.16 -9.40
CA VAL B 178 -8.21 2.52 -9.94
C VAL B 178 -9.66 2.90 -9.74
N LEU B 179 -9.89 4.15 -9.39
CA LEU B 179 -11.24 4.68 -9.27
C LEU B 179 -11.66 5.17 -10.66
N GLN B 180 -12.73 4.58 -11.19
CA GLN B 180 -13.25 4.89 -12.52
C GLN B 180 -14.09 6.16 -12.49
N SER B 181 -14.43 6.68 -13.67
CA SER B 181 -15.20 7.92 -13.72
C SER B 181 -16.61 7.74 -13.16
N SER B 182 -17.11 6.50 -13.08
CA SER B 182 -18.36 6.15 -12.43
C SER B 182 -18.31 6.21 -10.90
N GLY B 183 -17.15 6.44 -10.31
CA GLY B 183 -17.02 6.38 -8.87
C GLY B 183 -16.95 4.99 -8.31
N LEU B 184 -16.81 3.98 -9.16
CA LEU B 184 -16.60 2.60 -8.76
C LEU B 184 -15.18 2.17 -9.08
N TYR B 185 -14.65 1.27 -8.26
CA TYR B 185 -13.29 0.77 -8.39
C TYR B 185 -13.20 -0.38 -9.36
N SER B 186 -12.01 -0.54 -9.93
CA SER B 186 -11.69 -1.64 -10.81
C SER B 186 -10.23 -2.02 -10.58
N LEU B 187 -9.94 -3.31 -10.64
CA LEU B 187 -8.55 -3.74 -10.68
C LEU B 187 -8.44 -5.04 -11.46
N SER B 188 -7.21 -5.44 -11.75
CA SER B 188 -6.98 -6.75 -12.31
C SER B 188 -5.89 -7.46 -11.51
N SER B 189 -5.95 -8.78 -11.52
CA SER B 189 -4.90 -9.64 -10.99
C SER B 189 -4.44 -10.53 -12.11
N VAL B 190 -3.12 -10.66 -12.30
CA VAL B 190 -2.59 -11.48 -13.39
C VAL B 190 -1.55 -12.43 -12.82
N VAL B 191 -1.28 -13.50 -13.55
CA VAL B 191 -0.22 -14.43 -13.23
C VAL B 191 0.45 -14.90 -14.53
N THR B 192 1.76 -15.06 -14.51
CA THR B 192 2.48 -15.64 -15.62
C THR B 192 2.81 -17.09 -15.29
N VAL B 193 2.53 -17.98 -16.24
CA VAL B 193 2.68 -19.42 -16.03
C VAL B 193 3.37 -19.97 -17.27
N PRO B 194 3.89 -21.20 -17.18
CA PRO B 194 4.41 -21.84 -18.39
C PRO B 194 3.30 -22.03 -19.41
N SER B 195 3.55 -21.59 -20.64
CA SER B 195 2.59 -21.78 -21.73
C SER B 195 2.11 -23.22 -21.79
N SER B 196 3.01 -24.17 -21.62
CA SER B 196 2.70 -25.59 -21.67
C SER B 196 1.84 -26.08 -20.52
N SER B 197 1.53 -25.24 -19.54
CA SER B 197 0.66 -25.70 -18.46
C SER B 197 -0.81 -25.44 -18.74
N LEU B 198 -1.12 -24.71 -19.81
CA LEU B 198 -2.49 -24.24 -20.02
C LEU B 198 -3.47 -25.38 -20.21
N GLY B 199 -3.05 -26.46 -20.87
CA GLY B 199 -3.99 -27.52 -21.16
C GLY B 199 -4.23 -28.49 -20.02
N THR B 200 -3.37 -28.50 -19.02
CA THR B 200 -3.40 -29.51 -17.97
C THR B 200 -3.62 -28.96 -16.57
N GLN B 201 -3.11 -27.77 -16.26
CA GLN B 201 -3.31 -27.17 -14.94
C GLN B 201 -4.52 -26.26 -14.99
N THR B 202 -5.33 -26.28 -13.93
CA THR B 202 -6.48 -25.39 -13.82
C THR B 202 -6.10 -24.15 -13.02
N TYR B 203 -6.55 -22.98 -13.50
CA TYR B 203 -6.24 -21.71 -12.88
C TYR B 203 -7.52 -21.00 -12.48
N ILE B 204 -7.71 -20.82 -11.18
CA ILE B 204 -8.91 -20.22 -10.63
C ILE B 204 -8.48 -18.99 -9.85
N CYS B 205 -9.07 -17.84 -10.16
CA CYS B 205 -8.85 -16.66 -9.34
C CYS B 205 -9.95 -16.58 -8.28
N ASN B 206 -9.54 -16.35 -7.03
CA ASN B 206 -10.41 -16.30 -5.87
C ASN B 206 -10.51 -14.84 -5.44
N VAL B 207 -11.67 -14.24 -5.64
CA VAL B 207 -11.85 -12.81 -5.46
C VAL B 207 -12.76 -12.65 -4.24
N ASN B 208 -12.31 -11.93 -3.23
CA ASN B 208 -13.07 -11.74 -2.00
C ASN B 208 -13.35 -10.26 -1.84
N HIS B 209 -14.63 -9.89 -1.70
CA HIS B 209 -15.02 -8.53 -1.40
C HIS B 209 -15.82 -8.56 -0.10
N LYS B 210 -15.11 -8.49 1.02
CA LYS B 210 -15.77 -8.51 2.32
C LYS B 210 -16.78 -7.40 2.57
N PRO B 211 -16.61 -6.16 2.10
CA PRO B 211 -17.66 -5.16 2.32
C PRO B 211 -19.03 -5.57 1.77
N SER B 212 -19.10 -6.44 0.76
CA SER B 212 -20.38 -6.89 0.23
C SER B 212 -20.66 -8.35 0.57
N ASN B 213 -19.82 -8.98 1.39
CA ASN B 213 -19.99 -10.40 1.74
C ASN B 213 -20.11 -11.26 0.48
N THR B 214 -19.29 -10.93 -0.52
CA THR B 214 -19.26 -11.62 -1.80
C THR B 214 -17.88 -12.23 -2.02
N LYS B 215 -17.86 -13.49 -2.43
CA LYS B 215 -16.66 -14.14 -2.93
C LYS B 215 -16.95 -14.64 -4.34
N VAL B 216 -16.02 -14.46 -5.26
CA VAL B 216 -16.16 -15.02 -6.61
C VAL B 216 -14.97 -15.90 -6.91
N ASP B 217 -15.22 -17.13 -7.32
CA ASP B 217 -14.22 -18.05 -7.88
C ASP B 217 -14.44 -18.20 -9.37
N LYS B 218 -13.38 -17.96 -10.16
CA LYS B 218 -13.51 -17.96 -11.61
C LYS B 218 -12.37 -18.77 -12.21
N LYS B 219 -12.72 -19.86 -12.88
CA LYS B 219 -11.77 -20.63 -13.67
C LYS B 219 -11.46 -19.87 -14.95
N VAL B 220 -10.19 -19.57 -15.20
CA VAL B 220 -9.74 -18.85 -16.38
C VAL B 220 -9.21 -19.88 -17.36
N GLU B 221 -9.94 -20.08 -18.45
CA GLU B 221 -9.60 -21.06 -19.47
C GLU B 221 -9.04 -20.40 -20.73
N PRO B 222 -8.15 -21.07 -21.45
CA PRO B 222 -7.74 -20.55 -22.77
C PRO B 222 -8.92 -20.46 -23.71
N LYS B 223 -8.92 -19.43 -24.56
CA LYS B 223 -9.97 -19.23 -25.55
C LYS B 223 -9.58 -19.82 -26.89
N ASP C 1 4.65 22.74 15.62
CA ASP C 1 5.20 21.39 15.62
C ASP C 1 6.66 21.36 15.20
N VAL C 2 7.45 20.53 15.89
CA VAL C 2 8.81 20.25 15.43
C VAL C 2 8.71 19.55 14.08
N VAL C 3 9.55 19.96 13.14
CA VAL C 3 9.59 19.37 11.81
C VAL C 3 10.84 18.51 11.68
N LEU C 4 10.65 17.28 11.21
CA LEU C 4 11.75 16.36 10.92
C LEU C 4 11.93 16.34 9.40
N THR C 5 12.95 17.05 8.92
CA THR C 5 13.24 17.10 7.49
C THR C 5 14.21 15.98 7.14
N GLN C 6 13.74 15.02 6.35
CA GLN C 6 14.57 13.93 5.88
C GLN C 6 15.14 14.27 4.50
N THR C 7 16.40 13.91 4.28
CA THR C 7 17.03 13.99 2.97
C THR C 7 17.86 12.73 2.74
N PRO C 8 17.74 12.12 1.56
CA PRO C 8 16.84 12.51 0.47
C PRO C 8 15.45 11.96 0.74
N LEU C 9 14.46 12.36 -0.02
CA LEU C 9 13.14 11.77 0.08
C LEU C 9 12.98 10.58 -0.86
N SER C 10 13.87 10.47 -1.85
CA SER C 10 13.91 9.38 -2.81
C SER C 10 15.34 8.87 -2.87
N LEU C 11 15.54 7.57 -2.68
CA LEU C 11 16.89 7.03 -2.43
C LEU C 11 17.13 5.76 -3.25
N PRO C 12 17.51 5.90 -4.51
CA PRO C 12 17.91 4.72 -5.31
C PRO C 12 19.27 4.19 -4.90
N VAL C 13 19.37 2.88 -4.67
CA VAL C 13 20.64 2.23 -4.33
C VAL C 13 20.79 0.89 -5.03
N ASN C 14 22.01 0.62 -5.50
CA ASN C 14 22.40 -0.72 -5.90
C ASN C 14 22.31 -1.68 -4.72
N ILE C 15 22.04 -2.94 -5.02
CA ILE C 15 22.15 -3.97 -4.00
C ILE C 15 23.63 -4.13 -3.64
N GLY C 16 23.91 -4.24 -2.34
CA GLY C 16 25.27 -4.31 -1.87
C GLY C 16 25.89 -2.98 -1.54
N ASP C 17 25.26 -1.87 -1.94
CA ASP C 17 25.80 -0.55 -1.67
C ASP C 17 25.30 -0.02 -0.32
N GLN C 18 25.89 1.10 0.09
CA GLN C 18 25.52 1.76 1.34
C GLN C 18 24.47 2.83 1.09
N ALA C 19 23.45 2.84 1.93
CA ALA C 19 22.39 3.84 1.88
C ALA C 19 22.43 4.67 3.15
N SER C 20 22.29 5.99 2.99
CA SER C 20 22.32 6.89 4.13
C SER C 20 21.17 7.88 4.04
N ILE C 21 20.41 8.00 5.12
CA ILE C 21 19.31 8.95 5.23
C ILE C 21 19.60 9.91 6.36
N SER C 22 19.51 11.21 6.07
CA SER C 22 19.65 12.25 7.08
C SER C 22 18.28 12.66 7.60
N CYS C 23 18.20 12.89 8.90
CA CYS C 23 16.99 13.41 9.53
C CYS C 23 17.39 14.60 10.39
N LYS C 24 16.97 15.79 9.99
CA LYS C 24 17.30 17.03 10.69
C LYS C 24 16.06 17.57 11.37
N SER C 25 16.21 18.02 12.61
CA SER C 25 15.08 18.49 13.40
C SER C 25 15.25 19.98 13.70
N THR C 26 14.11 20.68 13.77
CA THR C 26 14.14 22.11 14.08
C THR C 26 14.41 22.39 15.54
N LYS C 27 14.27 21.40 16.42
CA LYS C 27 14.51 21.56 17.84
C LYS C 27 15.27 20.35 18.35
N SER C 28 16.16 20.58 19.32
CA SER C 28 16.93 19.49 19.90
C SER C 28 16.00 18.48 20.56
N LEU C 29 16.23 17.21 20.25
CA LEU C 29 15.42 16.13 20.80
C LEU C 29 15.99 15.55 22.09
N LEU C 30 17.06 16.15 22.61
CA LEU C 30 17.60 15.68 23.87
C LEU C 30 16.58 15.91 24.98
N ASN C 31 16.33 14.87 25.77
CA ASN C 31 15.43 14.95 26.90
C ASN C 31 16.13 14.93 28.25
N ARG C 32 17.28 14.25 28.33
CA ARG C 32 18.04 14.01 29.59
C ARG C 32 17.28 13.08 30.52
N PHE C 35 19.02 11.06 27.56
CA PHE C 35 18.04 10.33 26.75
C PHE C 35 17.53 11.21 25.59
N THR C 36 17.73 10.77 24.36
CA THR C 36 17.27 11.49 23.17
C THR C 36 16.23 10.64 22.45
N PHE C 37 15.00 11.18 22.31
CA PHE C 37 13.89 10.38 21.79
C PHE C 37 13.78 10.59 20.28
N LEU C 38 14.61 9.84 19.56
CA LEU C 38 14.55 9.81 18.10
C LEU C 38 14.54 8.35 17.67
N ASP C 39 13.55 7.97 16.86
CA ASP C 39 13.37 6.61 16.39
C ASP C 39 13.40 6.56 14.87
N TRP C 40 13.63 5.35 14.34
CA TRP C 40 13.54 5.07 12.92
C TRP C 40 12.55 3.92 12.72
N TYR C 41 11.58 4.12 11.81
CA TYR C 41 10.60 3.10 11.44
C TYR C 41 10.68 2.82 9.94
N LEU C 42 10.31 1.60 9.56
CA LEU C 42 10.28 1.16 8.17
C LEU C 42 8.88 0.63 7.85
N GLN C 43 8.34 0.99 6.68
CA GLN C 43 7.10 0.40 6.22
C GLN C 43 7.36 -0.26 4.88
N LYS C 44 7.34 -1.58 4.87
CA LYS C 44 7.47 -2.30 3.62
C LYS C 44 6.13 -2.33 2.90
N PRO C 45 6.13 -2.46 1.57
CA PRO C 45 4.87 -2.42 0.80
C PRO C 45 3.83 -3.37 1.37
N GLY C 46 2.65 -2.85 1.65
CA GLY C 46 1.57 -3.69 2.13
C GLY C 46 1.67 -4.19 3.56
N GLN C 47 2.61 -3.69 4.36
CA GLN C 47 2.65 -4.06 5.77
C GLN C 47 2.47 -2.83 6.65
N SER C 48 2.34 -3.09 7.96
CA SER C 48 2.38 -2.03 8.95
C SER C 48 3.81 -1.50 9.11
N PRO C 49 3.94 -0.26 9.59
CA PRO C 49 5.25 0.23 10.01
C PRO C 49 5.83 -0.70 11.08
N GLN C 50 7.16 -0.74 11.14
CA GLN C 50 7.85 -1.54 12.15
C GLN C 50 9.04 -0.75 12.68
N LEU C 51 9.37 -1.01 13.94
CA LEU C 51 10.46 -0.30 14.61
C LEU C 51 11.80 -0.87 14.18
N LEU C 52 12.74 0.01 13.83
CA LEU C 52 14.10 -0.40 13.53
C LEU C 52 15.07 0.04 14.63
N ILE C 53 15.08 1.33 14.96
CA ILE C 53 16.04 1.92 15.87
C ILE C 53 15.28 2.83 16.83
N TYR C 54 15.56 2.68 18.12
CA TYR C 54 15.03 3.57 19.14
C TYR C 54 16.20 4.16 19.91
N LEU C 55 15.95 5.29 20.58
CA LEU C 55 16.98 5.98 21.35
C LEU C 55 18.19 6.30 20.50
N VAL C 56 17.94 6.73 19.26
CA VAL C 56 18.93 7.23 18.32
C VAL C 56 19.75 6.08 17.70
N SER C 57 20.17 5.11 18.54
CA SER C 57 21.14 4.13 18.05
C SER C 57 20.89 2.69 18.49
N ASN C 58 19.81 2.39 19.20
CA ASN C 58 19.59 1.04 19.71
C ASN C 58 18.77 0.21 18.74
N ARG C 59 19.33 -0.90 18.28
CA ARG C 59 18.68 -1.78 17.32
C ARG C 59 17.58 -2.58 18.02
N PHE C 60 16.36 -2.47 17.52
CA PHE C 60 15.25 -3.25 18.04
C PHE C 60 15.44 -4.74 17.74
N SER C 61 14.74 -5.58 18.51
CA SER C 61 14.90 -7.02 18.41
C SER C 61 14.64 -7.52 16.99
N GLY C 62 15.42 -8.52 16.58
CA GLY C 62 15.25 -9.12 15.27
C GLY C 62 15.69 -8.29 14.08
N VAL C 63 16.30 -7.15 14.32
CA VAL C 63 16.71 -6.23 13.25
C VAL C 63 18.17 -6.49 12.93
N PRO C 64 18.54 -6.69 11.66
CA PRO C 64 19.95 -6.99 11.35
C PRO C 64 20.86 -5.82 11.65
N ASP C 65 22.14 -6.13 11.88
CA ASP C 65 23.11 -5.09 12.20
C ASP C 65 23.62 -4.33 10.98
N ARG C 66 23.11 -4.61 9.78
CA ARG C 66 23.34 -3.70 8.65
C ARG C 66 22.66 -2.35 8.86
N PHE C 67 21.64 -2.30 9.71
CA PHE C 67 20.95 -1.05 10.02
C PHE C 67 21.61 -0.42 11.24
N SER C 68 21.96 0.86 11.13
CA SER C 68 22.63 1.57 12.21
C SER C 68 22.13 3.00 12.28
N GLY C 69 21.98 3.50 13.50
CA GLY C 69 21.54 4.87 13.72
C GLY C 69 22.57 5.64 14.52
N SER C 70 22.64 6.95 14.28
CA SER C 70 23.63 7.80 14.91
C SER C 70 23.12 9.24 14.89
N GLY C 71 23.74 10.08 15.72
CA GLY C 71 23.47 11.50 15.71
C GLY C 71 23.17 12.02 17.10
N SER C 72 23.04 13.35 17.18
CA SER C 72 22.80 14.00 18.44
C SER C 72 22.15 15.35 18.19
N GLY C 73 21.47 15.87 19.21
CA GLY C 73 20.83 17.16 19.14
C GLY C 73 19.73 17.22 18.11
N THR C 74 20.05 17.81 16.95
CA THR C 74 19.09 17.95 15.87
C THR C 74 19.45 17.17 14.63
N ASP C 75 20.64 16.57 14.57
CA ASP C 75 21.12 15.88 13.38
C ASP C 75 21.23 14.39 13.64
N PHE C 76 20.69 13.59 12.73
CA PHE C 76 20.63 12.15 12.94
C PHE C 76 20.79 11.44 11.59
N THR C 77 21.34 10.22 11.64
CA THR C 77 21.57 9.44 10.43
C THR C 77 21.18 7.98 10.63
N LEU C 78 20.50 7.42 9.63
CA LEU C 78 20.29 5.98 9.50
C LEU C 78 21.12 5.46 8.34
N LYS C 79 21.95 4.45 8.59
CA LYS C 79 22.79 3.84 7.56
C LYS C 79 22.43 2.37 7.40
N ILE C 80 22.27 1.94 6.15
CA ILE C 80 22.20 0.51 5.82
C ILE C 80 23.52 0.17 5.12
N SER C 81 24.33 -0.67 5.77
CA SER C 81 25.69 -0.91 5.29
C SER C 81 25.69 -1.59 3.93
N ARG C 82 24.98 -2.72 3.80
CA ARG C 82 24.93 -3.49 2.55
C ARG C 82 23.47 -3.70 2.22
N VAL C 83 22.97 -2.94 1.23
CA VAL C 83 21.54 -2.94 0.96
C VAL C 83 21.13 -4.25 0.28
N GLU C 84 20.01 -4.81 0.73
CA GLU C 84 19.43 -6.01 0.15
C GLU C 84 18.11 -5.67 -0.54
N ALA C 85 17.71 -6.56 -1.44
CA ALA C 85 16.49 -6.33 -2.22
C ALA C 85 15.28 -6.13 -1.32
N GLU C 86 15.19 -6.91 -0.25
CA GLU C 86 14.04 -6.89 0.65
C GLU C 86 14.02 -5.69 1.57
N ASP C 87 15.01 -4.79 1.47
CA ASP C 87 15.08 -3.60 2.31
C ASP C 87 14.26 -2.43 1.75
N LEU C 88 13.61 -2.62 0.60
CA LEU C 88 12.84 -1.54 0.00
C LEU C 88 11.60 -1.24 0.84
N GLY C 89 11.20 0.03 0.81
CA GLY C 89 10.11 0.52 1.62
C GLY C 89 10.33 1.99 1.90
N VAL C 90 9.53 2.52 2.81
CA VAL C 90 9.63 3.90 3.24
C VAL C 90 10.14 3.95 4.66
N TYR C 91 11.21 4.72 4.86
CA TYR C 91 11.87 4.89 6.16
C TYR C 91 11.45 6.22 6.74
N TYR C 92 11.08 6.21 8.01
CA TYR C 92 10.59 7.38 8.73
C TYR C 92 11.43 7.61 9.98
N CYS C 93 11.86 8.86 10.19
CA CYS C 93 12.28 9.19 11.55
C CYS C 93 11.06 9.69 12.32
N PHE C 94 11.15 9.59 13.64
CA PHE C 94 10.02 9.90 14.50
C PHE C 94 10.58 10.38 15.83
N GLN C 95 10.09 11.51 16.31
CA GLN C 95 10.51 12.07 17.59
C GLN C 95 9.34 12.03 18.57
N SER C 96 9.68 11.85 19.85
CA SER C 96 8.68 11.92 20.92
C SER C 96 9.20 12.75 22.09
N ASN C 97 10.04 13.76 21.81
CA ASN C 97 10.42 14.71 22.86
C ASN C 97 9.40 15.83 22.98
N TYR C 98 8.81 16.24 21.86
CA TYR C 98 7.70 17.18 21.89
C TYR C 98 6.47 16.48 21.31
N LEU C 99 5.45 17.24 20.91
CA LEU C 99 4.35 16.68 20.13
C LEU C 99 4.91 15.68 19.12
N PHE C 100 4.48 14.43 19.22
CA PHE C 100 5.08 13.39 18.40
C PHE C 100 4.90 13.74 16.93
N THR C 101 6.01 13.75 16.18
CA THR C 101 5.93 13.97 14.74
C THR C 101 6.80 12.97 14.01
N PHE C 102 6.44 12.73 12.75
CA PHE C 102 7.20 11.90 11.83
C PHE C 102 7.86 12.78 10.77
N GLY C 103 8.97 12.30 10.22
CA GLY C 103 9.48 12.87 8.98
C GLY C 103 8.55 12.54 7.82
N SER C 104 8.87 13.09 6.64
CA SER C 104 8.00 12.86 5.48
C SER C 104 8.16 11.46 4.92
N GLY C 105 9.18 10.72 5.34
CA GLY C 105 9.43 9.39 4.80
C GLY C 105 10.38 9.40 3.62
N THR C 106 11.30 8.45 3.58
CA THR C 106 12.27 8.32 2.49
C THR C 106 11.98 7.01 1.78
N LYS C 107 11.71 7.08 0.48
CA LYS C 107 11.41 5.89 -0.30
C LYS C 107 12.72 5.29 -0.79
N LEU C 108 13.07 4.14 -0.26
CA LEU C 108 14.25 3.43 -0.71
C LEU C 108 13.85 2.54 -1.87
N GLU C 109 14.45 2.78 -3.03
CA GLU C 109 14.24 1.96 -4.22
C GLU C 109 15.55 1.29 -4.60
N ILE C 110 15.41 0.09 -5.16
CA ILE C 110 16.53 -0.71 -5.63
C ILE C 110 16.80 -0.37 -7.09
N LYS C 111 17.97 0.17 -7.39
CA LYS C 111 18.34 0.39 -8.79
C LYS C 111 19.04 -0.86 -9.32
N ARG C 112 18.70 -1.24 -10.55
CA ARG C 112 19.16 -2.50 -11.12
C ARG C 112 19.29 -2.32 -12.63
N THR C 113 19.65 -3.40 -13.31
CA THR C 113 19.85 -3.35 -14.75
C THR C 113 18.51 -3.20 -15.46
N VAL C 114 18.55 -2.54 -16.62
CA VAL C 114 17.34 -2.38 -17.42
C VAL C 114 16.80 -3.75 -17.79
N ALA C 115 15.48 -3.93 -17.67
CA ALA C 115 14.81 -5.16 -18.08
C ALA C 115 13.59 -4.76 -18.89
N ALA C 116 13.54 -5.18 -20.18
CA ALA C 116 12.40 -4.89 -21.02
C ALA C 116 11.17 -5.67 -20.56
N PRO C 117 9.98 -5.09 -20.68
CA PRO C 117 8.77 -5.80 -20.23
C PRO C 117 8.40 -6.90 -21.21
N SER C 118 7.84 -7.96 -20.68
CA SER C 118 7.03 -8.87 -21.49
C SER C 118 5.62 -8.25 -21.57
N VAL C 119 5.12 -8.08 -22.80
CA VAL C 119 3.88 -7.34 -23.04
C VAL C 119 2.81 -8.30 -23.52
N PHE C 120 1.60 -8.17 -22.96
CA PHE C 120 0.46 -9.01 -23.29
C PHE C 120 -0.75 -8.10 -23.48
N ILE C 121 -1.59 -8.41 -24.47
CA ILE C 121 -2.85 -7.71 -24.66
C ILE C 121 -3.99 -8.72 -24.49
N PHE C 122 -5.07 -8.29 -23.84
CA PHE C 122 -6.24 -9.13 -23.57
C PHE C 122 -7.48 -8.50 -24.18
N PRO C 123 -8.17 -9.17 -25.09
CA PRO C 123 -9.44 -8.62 -25.60
C PRO C 123 -10.51 -8.67 -24.51
N PRO C 124 -11.57 -7.88 -24.63
CA PRO C 124 -12.72 -8.07 -23.71
C PRO C 124 -13.22 -9.50 -23.78
N SER C 125 -13.66 -10.02 -22.63
CA SER C 125 -14.23 -11.35 -22.60
C SER C 125 -15.63 -11.32 -23.21
N ASP C 126 -16.04 -12.46 -23.75
CA ASP C 126 -17.41 -12.58 -24.25
C ASP C 126 -18.41 -12.31 -23.14
N GLU C 127 -18.07 -12.68 -21.89
CA GLU C 127 -18.98 -12.45 -20.78
C GLU C 127 -19.25 -10.96 -20.61
N GLN C 128 -18.19 -10.16 -20.58
CA GLN C 128 -18.35 -8.72 -20.42
C GLN C 128 -19.11 -8.11 -21.58
N LEU C 129 -18.82 -8.55 -22.81
CA LEU C 129 -19.48 -7.97 -23.97
C LEU C 129 -21.00 -8.16 -23.90
N LYS C 130 -21.46 -9.31 -23.40
CA LYS C 130 -22.90 -9.49 -23.23
C LYS C 130 -23.50 -8.48 -22.27
N SER C 131 -22.68 -7.76 -21.52
CA SER C 131 -23.14 -6.76 -20.56
C SER C 131 -23.17 -5.35 -21.14
N GLY C 132 -22.67 -5.16 -22.35
CA GLY C 132 -22.69 -3.87 -23.01
C GLY C 132 -21.44 -3.03 -22.88
N THR C 133 -20.41 -3.53 -22.19
CA THR C 133 -19.14 -2.81 -22.11
C THR C 133 -18.02 -3.71 -22.54
N ALA C 134 -16.89 -3.08 -22.89
CA ALA C 134 -15.71 -3.77 -23.35
C ALA C 134 -14.49 -3.12 -22.70
N SER C 135 -13.71 -3.91 -21.96
CA SER C 135 -12.45 -3.46 -21.41
C SER C 135 -11.33 -4.22 -22.12
N VAL C 136 -10.36 -3.49 -22.66
CA VAL C 136 -9.16 -4.09 -23.26
C VAL C 136 -7.99 -3.82 -22.32
N VAL C 137 -7.21 -4.85 -22.01
CA VAL C 137 -6.16 -4.74 -21.00
C VAL C 137 -4.80 -5.04 -21.61
N CYS C 138 -3.84 -4.16 -21.35
CA CYS C 138 -2.45 -4.33 -21.75
C CYS C 138 -1.62 -4.51 -20.47
N LEU C 139 -0.80 -5.57 -20.45
CA LEU C 139 0.04 -5.91 -19.30
C LEU C 139 1.52 -5.78 -19.66
N LEU C 140 2.27 -5.07 -18.83
CA LEU C 140 3.72 -4.95 -18.94
C LEU C 140 4.30 -5.65 -17.72
N ASN C 141 4.95 -6.80 -17.93
CA ASN C 141 5.37 -7.66 -16.83
CA ASN C 141 5.38 -7.67 -16.84
C ASN C 141 6.86 -7.52 -16.56
N ASN C 142 7.19 -7.30 -15.27
CA ASN C 142 8.56 -7.44 -14.75
CA ASN C 142 8.56 -7.42 -14.75
C ASN C 142 9.57 -6.62 -15.57
N PHE C 143 9.47 -5.30 -15.43
CA PHE C 143 10.37 -4.43 -16.19
C PHE C 143 11.06 -3.44 -15.27
N TYR C 144 12.15 -2.86 -15.78
CA TYR C 144 12.90 -1.84 -15.08
C TYR C 144 13.52 -0.96 -16.16
N PRO C 145 13.57 0.37 -15.97
CA PRO C 145 13.06 1.17 -14.85
C PRO C 145 11.55 1.35 -14.96
N ARG C 146 10.89 2.00 -13.99
N ARG C 146 10.94 2.03 -13.99
CA ARG C 146 9.44 2.06 -14.00
CA ARG C 146 9.49 2.15 -13.91
C ARG C 146 8.89 2.99 -15.07
C ARG C 146 8.91 3.00 -15.03
N GLU C 147 9.68 3.97 -15.52
CA GLU C 147 9.17 4.94 -16.47
C GLU C 147 8.91 4.27 -17.82
N ALA C 148 7.69 4.43 -18.33
CA ALA C 148 7.29 3.83 -19.59
C ALA C 148 6.05 4.54 -20.07
N LYS C 149 5.88 4.66 -21.39
CA LYS C 149 4.67 5.26 -21.92
C LYS C 149 3.92 4.20 -22.72
N VAL C 150 2.63 4.07 -22.43
CA VAL C 150 1.75 3.08 -23.02
C VAL C 150 0.66 3.81 -23.78
N GLN C 151 0.53 3.55 -25.07
CA GLN C 151 -0.44 4.23 -25.91
C GLN C 151 -1.35 3.21 -26.56
N TRP C 152 -2.63 3.57 -26.65
CA TRP C 152 -3.60 2.71 -27.31
C TRP C 152 -3.86 3.23 -28.71
N LYS C 153 -3.91 2.31 -29.68
CA LYS C 153 -4.30 2.62 -31.03
C LYS C 153 -5.42 1.69 -31.44
N VAL C 154 -6.46 2.25 -32.05
CA VAL C 154 -7.61 1.48 -32.53
CA VAL C 154 -7.57 1.44 -32.54
C VAL C 154 -7.76 1.78 -34.01
N ASP C 155 -7.61 0.76 -34.85
CA ASP C 155 -7.47 0.92 -36.29
C ASP C 155 -6.49 2.04 -36.61
N ASN C 156 -5.36 2.04 -35.90
CA ASN C 156 -4.24 2.98 -36.03
CA ASN C 156 -4.26 2.99 -36.06
C ASN C 156 -4.61 4.41 -35.63
N ALA C 157 -5.69 4.59 -34.90
CA ALA C 157 -6.06 5.91 -34.38
C ALA C 157 -5.65 5.98 -32.91
N LEU C 158 -4.80 6.95 -32.57
CA LEU C 158 -4.31 7.07 -31.21
C LEU C 158 -5.43 7.49 -30.27
N GLN C 159 -5.58 6.74 -29.17
CA GLN C 159 -6.65 7.00 -28.22
C GLN C 159 -6.18 7.99 -27.17
N SER C 160 -7.11 8.75 -26.61
CA SER C 160 -6.82 9.65 -25.51
CA SER C 160 -6.81 9.63 -25.50
C SER C 160 -8.05 9.79 -24.64
N GLY C 161 -7.86 9.73 -23.32
CA GLY C 161 -8.90 9.97 -22.36
C GLY C 161 -9.75 8.78 -22.00
N ASN C 162 -9.55 7.62 -22.61
CA ASN C 162 -10.40 6.48 -22.32
C ASN C 162 -9.61 5.31 -21.73
N SER C 163 -8.46 5.58 -21.09
CA SER C 163 -7.67 4.50 -20.50
C SER C 163 -7.14 4.93 -19.14
N GLN C 164 -6.88 3.94 -18.28
CA GLN C 164 -6.31 4.18 -16.97
C GLN C 164 -5.23 3.14 -16.74
N GLU C 165 -4.20 3.53 -16.01
CA GLU C 165 -3.17 2.55 -15.74
C GLU C 165 -2.93 2.46 -14.24
N SER C 166 -2.32 1.35 -13.83
CA SER C 166 -1.85 1.21 -12.47
C SER C 166 -0.60 0.36 -12.47
N VAL C 167 0.22 0.55 -11.44
CA VAL C 167 1.56 -0.02 -11.40
CA VAL C 167 1.58 0.00 -11.39
C VAL C 167 1.78 -0.64 -10.02
N THR C 168 2.49 -1.77 -10.00
CA THR C 168 2.80 -2.45 -8.76
C THR C 168 3.94 -1.76 -8.03
N GLU C 169 4.05 -2.04 -6.73
CA GLU C 169 5.27 -1.73 -5.97
C GLU C 169 6.43 -2.55 -6.51
N GLN C 170 7.64 -2.06 -6.26
CA GLN C 170 8.82 -2.78 -6.70
C GLN C 170 8.86 -4.16 -6.07
N ASP C 171 9.17 -5.17 -6.88
CA ASP C 171 9.13 -6.55 -6.41
C ASP C 171 10.31 -6.80 -5.47
N SER C 172 10.04 -7.38 -4.29
CA SER C 172 11.08 -7.57 -3.28
CA SER C 172 11.08 -7.56 -3.28
C SER C 172 12.13 -8.59 -3.69
N LYS C 173 11.85 -9.42 -4.70
CA LYS C 173 12.77 -10.45 -5.14
C LYS C 173 13.66 -9.99 -6.30
N ASP C 174 13.05 -9.55 -7.39
CA ASP C 174 13.74 -9.19 -8.63
C ASP C 174 13.85 -7.69 -8.88
N SER C 175 13.23 -6.85 -8.05
CA SER C 175 13.36 -5.41 -8.10
C SER C 175 12.74 -4.79 -9.34
N THR C 176 11.82 -5.49 -10.00
CA THR C 176 11.13 -4.96 -11.16
C THR C 176 9.74 -4.43 -10.78
N TYR C 177 9.11 -3.81 -11.79
CA TYR C 177 7.76 -3.30 -11.70
C TYR C 177 6.89 -4.04 -12.70
N SER C 178 5.58 -3.98 -12.50
CA SER C 178 4.66 -4.37 -13.56
C SER C 178 3.58 -3.30 -13.68
N LEU C 179 2.97 -3.23 -14.86
CA LEU C 179 2.00 -2.18 -15.16
C LEU C 179 0.88 -2.74 -16.01
N SER C 180 -0.34 -2.29 -15.73
CA SER C 180 -1.51 -2.56 -16.55
C SER C 180 -2.07 -1.25 -17.10
N SER C 181 -2.52 -1.27 -18.35
CA SER C 181 -3.32 -0.18 -18.88
C SER C 181 -4.62 -0.77 -19.40
N THR C 182 -5.73 -0.13 -19.07
CA THR C 182 -7.05 -0.63 -19.42
C THR C 182 -7.77 0.39 -20.27
N LEU C 183 -8.13 0.00 -21.49
CA LEU C 183 -8.94 0.81 -22.38
C LEU C 183 -10.40 0.41 -22.24
N THR C 184 -11.29 1.40 -22.01
CA THR C 184 -12.71 1.16 -21.83
C THR C 184 -13.50 1.80 -22.97
N LEU C 185 -14.29 1.00 -23.66
CA LEU C 185 -15.21 1.44 -24.70
C LEU C 185 -16.58 0.85 -24.43
N SER C 186 -17.60 1.44 -25.07
CA SER C 186 -18.88 0.76 -25.15
C SER C 186 -18.75 -0.44 -26.05
N LYS C 187 -19.59 -1.46 -25.82
CA LYS C 187 -19.67 -2.57 -26.76
C LYS C 187 -19.98 -2.06 -28.16
N ALA C 188 -20.93 -1.13 -28.26
CA ALA C 188 -21.26 -0.57 -29.58
C ALA C 188 -20.04 0.03 -30.27
N ASP C 189 -19.18 0.74 -29.53
CA ASP C 189 -18.01 1.33 -30.16
C ASP C 189 -16.96 0.27 -30.47
N TYR C 190 -16.80 -0.67 -29.55
CA TYR C 190 -15.84 -1.75 -29.71
C TYR C 190 -16.12 -2.53 -30.99
N GLU C 191 -17.39 -2.79 -31.31
CA GLU C 191 -17.66 -3.55 -32.52
C GLU C 191 -17.57 -2.72 -33.80
N LYS C 192 -17.26 -1.42 -33.71
CA LYS C 192 -17.08 -0.62 -34.92
C LYS C 192 -15.66 -0.70 -35.49
N HIS C 193 -14.72 -1.35 -34.80
CA HIS C 193 -13.33 -1.32 -35.20
C HIS C 193 -12.74 -2.71 -35.20
N LYS C 194 -11.57 -2.84 -35.84
CA LYS C 194 -10.96 -4.13 -36.13
C LYS C 194 -9.72 -4.38 -35.28
N VAL C 195 -8.71 -3.50 -35.38
CA VAL C 195 -7.38 -3.74 -34.83
C VAL C 195 -7.23 -2.96 -33.54
N TYR C 196 -6.90 -3.67 -32.46
CA TYR C 196 -6.67 -3.07 -31.15
C TYR C 196 -5.22 -3.29 -30.78
N ALA C 197 -4.53 -2.23 -30.36
CA ALA C 197 -3.09 -2.31 -30.18
C ALA C 197 -2.68 -1.46 -29.00
N CYS C 198 -1.74 -1.98 -28.20
CA CYS C 198 -1.08 -1.19 -27.16
C CYS C 198 0.41 -1.10 -27.45
N GLU C 199 0.92 0.13 -27.48
CA GLU C 199 2.30 0.43 -27.81
C GLU C 199 3.03 0.86 -26.55
N VAL C 200 4.14 0.20 -26.27
CA VAL C 200 4.94 0.41 -25.06
C VAL C 200 6.29 0.92 -25.50
N THR C 201 6.67 2.12 -25.06
CA THR C 201 7.93 2.74 -25.44
CA THR C 201 7.94 2.71 -25.45
C THR C 201 8.81 2.97 -24.22
N GLN C 202 10.04 2.49 -24.27
CA GLN C 202 11.04 2.74 -23.24
C GLN C 202 12.33 3.06 -23.97
N GLY C 203 12.89 4.24 -23.72
CA GLY C 203 14.15 4.60 -24.37
C GLY C 203 13.98 4.73 -25.88
N THR C 204 14.79 3.96 -26.62
CA THR C 204 14.82 3.98 -28.07
C THR C 204 14.02 2.84 -28.70
N THR C 205 13.14 2.20 -27.94
CA THR C 205 12.43 1.00 -28.38
C THR C 205 10.94 1.10 -28.09
N SER C 206 10.12 0.78 -29.09
CA SER C 206 8.67 0.63 -28.93
C SER C 206 8.28 -0.81 -29.26
N VAL C 207 7.47 -1.42 -28.41
CA VAL C 207 6.90 -2.73 -28.69
C VAL C 207 5.39 -2.57 -28.78
N THR C 208 4.80 -3.04 -29.87
CA THR C 208 3.34 -2.99 -30.07
C THR C 208 2.80 -4.41 -30.14
N LYS C 209 1.85 -4.72 -29.25
CA LYS C 209 1.10 -5.97 -29.28
C LYS C 209 -0.33 -5.67 -29.67
N SER C 210 -0.92 -6.54 -30.47
CA SER C 210 -2.21 -6.22 -31.05
C SER C 210 -3.05 -7.47 -31.18
N PHE C 211 -4.36 -7.27 -31.44
CA PHE C 211 -5.23 -8.37 -31.84
C PHE C 211 -6.25 -7.82 -32.81
N ASN C 212 -6.83 -8.72 -33.59
CA ASN C 212 -7.90 -8.39 -34.54
C ASN C 212 -9.21 -8.88 -33.97
N ARG C 213 -10.17 -7.96 -33.82
CA ARG C 213 -11.45 -8.30 -33.19
C ARG C 213 -12.18 -9.37 -33.99
N GLY C 214 -12.68 -10.37 -33.29
CA GLY C 214 -13.38 -11.44 -33.98
C GLY C 214 -12.45 -12.42 -34.63
N GLU C 215 -11.25 -12.59 -34.09
CA GLU C 215 -10.24 -13.47 -34.66
C GLU C 215 -9.27 -13.99 -33.61
#